data_5FPL
#
_entry.id   5FPL
#
_cell.length_a   142.910
_cell.length_b   142.910
_cell.length_c   152.100
_cell.angle_alpha   90.00
_cell.angle_beta   90.00
_cell.angle_gamma   120.00
#
_symmetry.space_group_name_H-M   'P 65 2 2'
#
loop_
_entity.id
_entity.type
_entity.pdbx_description
1 polymer 'LYSINE-SPECIFIC DEMETHYLASE 5B, LYSINE-SPECIFIC DEMETHYLASE 5B'
2 non-polymer 'ZINC ION'
3 non-polymer 'MANGANESE (II) ION'
4 non-polymer 8-[4-(2-azanylethyl)pyrazol-1-yl]-3H-pyrido[3,4-d]pyrimidin-4-one
5 non-polymer 1,2-ETHANEDIOL
6 non-polymer 'DIMETHYL SULFOXIDE'
7 water water
#
_entity_poly.entity_id   1
_entity_poly.type   'polypeptide(L)'
_entity_poly.pdbx_seq_one_letter_code
;MFLPPPECPVFEPSWEEFADPFAFIHKIRPIAEQTGICKVRPPPDWQPPFACDVDKLHFTPRIQRLNELEAQTRVKLGGG
GARDYTLRTFGEMADAFKSDYFNMPVHMVPTELVEKEFWRLVSTIEEDVTVEYGADIASKEFGSGFPVRDGKIKLSPEEE
EYLDSGWNLNNMPVMEQSVLAHITADICGMKLPWLYVGMCFSSFCWHIEDHWSYSINYLHWGEPKTWYGVPGYAAEQLEN
VMKKLAPKLFVSQPDLLHQLVTIMNPNTLMTHEVPVYRTNQCAGEFVITFPRAYHSGFNQGFNFAEAVNFCTVDWLPLGR
QCVEHYRLLHRYCVFSHDEMICKMASKADVLDVVVASTVQKDMAIMIEDEKALRETVRKLGVIDSERMDFELLPDDERQC
VKCKTTCFMSAISCSCKPGLLVCLHHVKELCSCPPYKYKLRYRYTLDDLYPMMNALKLRAESYNEWALNVNEALEAKINK
;
_entity_poly.pdbx_strand_id   A
#
# COMPACT_ATOMS: atom_id res chain seq x y z
N MET A 1 4.49 -8.47 30.92
CA MET A 1 4.32 -7.03 31.10
C MET A 1 4.45 -6.27 29.75
N PHE A 2 3.65 -5.22 29.56
CA PHE A 2 3.66 -4.40 28.35
C PHE A 2 3.95 -2.94 28.63
N LEU A 3 4.95 -2.38 27.96
CA LEU A 3 5.33 -0.98 28.11
C LEU A 3 4.86 -0.25 26.83
N PRO A 4 3.73 0.47 26.87
CA PRO A 4 3.22 1.07 25.62
C PRO A 4 4.23 1.96 24.90
N PRO A 5 4.39 1.80 23.55
CA PRO A 5 5.31 2.69 22.80
C PRO A 5 4.86 4.15 22.92
N PRO A 6 5.73 5.18 22.70
CA PRO A 6 5.23 6.57 22.79
C PRO A 6 4.16 6.86 21.74
N GLU A 7 3.32 7.86 21.99
CA GLU A 7 2.25 8.26 21.08
C GLU A 7 2.78 8.83 19.79
N CYS A 8 2.15 8.50 18.67
CA CYS A 8 2.51 9.05 17.36
C CYS A 8 1.93 10.51 17.31
N PRO A 9 2.30 11.32 16.30
CA PRO A 9 1.76 12.69 16.21
C PRO A 9 0.27 12.72 15.91
N VAL A 10 -0.46 13.68 16.51
CA VAL A 10 -1.90 13.90 16.30
C VAL A 10 -2.04 15.29 15.77
N PHE A 11 -2.70 15.43 14.63
CA PHE A 11 -2.95 16.72 13.99
C PHE A 11 -4.44 17.04 14.02
N GLU A 12 -4.76 18.33 14.24
CA GLU A 12 -6.12 18.83 14.26
C GLU A 12 -6.17 20.03 13.30
N PRO A 13 -6.19 19.78 11.96
CA PRO A 13 -6.18 20.91 11.02
C PRO A 13 -7.42 21.81 11.06
N SER A 14 -7.22 23.11 10.75
CA SER A 14 -8.29 24.09 10.64
C SER A 14 -9.00 23.80 9.32
N TRP A 15 -10.18 24.37 9.09
CA TRP A 15 -10.89 24.14 7.83
C TRP A 15 -10.05 24.49 6.61
N GLU A 16 -9.22 25.55 6.73
CA GLU A 16 -8.29 26.02 5.70
C GLU A 16 -7.18 25.01 5.42
N GLU A 17 -6.53 24.46 6.50
CA GLU A 17 -5.47 23.45 6.38
C GLU A 17 -6.06 22.16 5.79
N PHE A 18 -7.26 21.76 6.28
CA PHE A 18 -7.99 20.55 5.87
C PHE A 18 -8.44 20.55 4.41
N ALA A 19 -8.80 21.74 3.86
CA ALA A 19 -9.29 21.95 2.48
C ALA A 19 -8.64 21.10 1.41
N ASP A 20 -7.31 20.92 1.48
CA ASP A 20 -6.57 20.10 0.51
C ASP A 20 -5.79 19.00 1.23
N PRO A 21 -6.21 17.72 1.05
CA PRO A 21 -5.52 16.62 1.73
C PRO A 21 -4.05 16.49 1.36
N PHE A 22 -3.70 16.71 0.08
CA PHE A 22 -2.33 16.60 -0.41
C PHE A 22 -1.42 17.73 0.06
N ALA A 23 -1.90 18.98 0.09
CA ALA A 23 -1.08 20.09 0.60
C ALA A 23 -0.85 19.90 2.11
N PHE A 24 -1.87 19.37 2.84
CA PHE A 24 -1.77 19.07 4.27
C PHE A 24 -0.79 17.93 4.57
N ILE A 25 -0.81 16.86 3.74
CA ILE A 25 0.09 15.71 3.88
C ILE A 25 1.57 16.14 3.65
N HIS A 26 1.78 17.11 2.72
CA HIS A 26 3.08 17.68 2.41
C HIS A 26 3.58 18.53 3.60
N LYS A 27 2.68 19.33 4.22
CA LYS A 27 2.99 20.17 5.38
C LYS A 27 3.38 19.34 6.65
N ILE A 28 2.67 18.21 6.93
CA ILE A 28 2.91 17.33 8.09
C ILE A 28 4.09 16.35 7.90
N ARG A 29 4.45 16.08 6.63
CA ARG A 29 5.50 15.15 6.19
C ARG A 29 6.80 15.25 7.01
N PRO A 30 7.42 16.45 7.23
CA PRO A 30 8.66 16.49 8.01
C PRO A 30 8.58 15.88 9.42
N ILE A 31 7.42 16.03 10.09
CA ILE A 31 7.16 15.48 11.42
C ILE A 31 6.77 14.00 11.33
N ALA A 32 5.71 13.71 10.57
CA ALA A 32 5.07 12.40 10.42
C ALA A 32 5.96 11.31 9.81
N GLU A 33 6.92 11.66 8.95
CA GLU A 33 7.82 10.66 8.33
C GLU A 33 8.85 10.11 9.33
N GLN A 34 9.06 10.83 10.45
CA GLN A 34 9.92 10.48 11.59
C GLN A 34 9.26 9.45 12.51
N THR A 35 7.92 9.27 12.39
CA THR A 35 7.13 8.33 13.18
C THR A 35 6.46 7.22 12.36
N GLY A 36 6.42 7.38 11.03
CA GLY A 36 5.79 6.42 10.11
C GLY A 36 4.28 6.53 10.00
N ILE A 37 3.61 6.69 11.15
CA ILE A 37 2.15 6.86 11.23
C ILE A 37 1.86 8.16 11.91
N CYS A 38 0.70 8.72 11.61
CA CYS A 38 0.22 9.94 12.28
C CYS A 38 -1.29 9.87 12.28
N LYS A 39 -1.91 10.62 13.17
CA LYS A 39 -3.34 10.63 13.30
C LYS A 39 -3.88 12.00 12.93
N VAL A 40 -4.95 12.03 12.14
CA VAL A 40 -5.58 13.28 11.72
C VAL A 40 -7.02 13.37 12.19
N ARG A 41 -7.34 14.40 12.99
N ARG A 41 -7.34 14.40 12.98
CA ARG A 41 -8.68 14.66 13.49
CA ARG A 41 -8.68 14.66 13.49
C ARG A 41 -9.32 15.74 12.60
C ARG A 41 -9.31 15.74 12.59
N PRO A 42 -10.34 15.40 11.78
CA PRO A 42 -10.95 16.42 10.90
C PRO A 42 -11.67 17.52 11.69
N PRO A 43 -11.94 18.73 11.09
CA PRO A 43 -12.72 19.75 11.81
C PRO A 43 -13.98 19.15 12.45
N PRO A 44 -14.39 19.63 13.64
CA PRO A 44 -15.52 19.00 14.37
C PRO A 44 -16.83 18.79 13.58
N ASP A 45 -17.12 19.72 12.68
CA ASP A 45 -18.30 19.71 11.83
C ASP A 45 -18.17 18.86 10.54
N TRP A 46 -16.96 18.29 10.23
CA TRP A 46 -16.77 17.41 9.06
C TRP A 46 -17.25 16.02 9.48
N GLN A 47 -18.48 15.66 9.08
CA GLN A 47 -19.14 14.42 9.50
C GLN A 47 -19.81 13.73 8.33
N PRO A 48 -19.10 12.92 7.51
CA PRO A 48 -19.80 12.26 6.39
C PRO A 48 -20.81 11.21 6.87
N PRO A 49 -22.00 11.10 6.23
CA PRO A 49 -22.98 10.09 6.66
C PRO A 49 -22.68 8.70 6.04
N PHE A 50 -22.76 7.64 6.83
CA PHE A 50 -22.46 6.26 6.39
C PHE A 50 -23.35 5.61 5.31
N ALA A 51 -22.73 4.95 4.32
CA ALA A 51 -23.44 4.30 3.18
C ALA A 51 -23.61 2.76 2.98
N CYS A 52 -23.22 1.92 3.93
CA CYS A 52 -23.39 0.43 3.82
C CYS A 52 -24.57 -0.13 4.70
N ASP A 53 -25.31 -1.17 4.21
CA ASP A 53 -26.46 -1.79 4.93
C ASP A 53 -26.09 -2.93 5.90
N VAL A 54 -26.80 -3.02 7.07
CA VAL A 54 -26.56 -4.02 8.14
C VAL A 54 -27.01 -5.44 7.75
N ASP A 55 -28.10 -5.55 6.98
CA ASP A 55 -28.68 -6.83 6.58
C ASP A 55 -28.37 -7.25 5.13
N LYS A 56 -27.94 -6.29 4.28
CA LYS A 56 -27.65 -6.55 2.87
C LYS A 56 -26.13 -6.71 2.59
N LEU A 57 -25.23 -6.22 3.46
CA LEU A 57 -23.78 -6.47 3.31
C LEU A 57 -23.46 -7.84 3.91
N HIS A 58 -22.88 -8.73 3.09
N HIS A 58 -23.01 -8.78 3.24
CA HIS A 58 -22.47 -10.10 3.44
CA HIS A 58 -22.49 -10.10 3.57
C HIS A 58 -20.97 -10.25 3.20
C HIS A 58 -21.01 -10.27 3.22
N PHE A 59 -20.29 -11.04 4.05
CA PHE A 59 -18.87 -11.34 3.89
C PHE A 59 -18.51 -12.61 4.69
N THR A 60 -17.44 -13.29 4.28
CA THR A 60 -16.90 -14.48 4.92
C THR A 60 -15.58 -13.99 5.54
N PRO A 61 -15.45 -13.91 6.88
CA PRO A 61 -14.20 -13.36 7.43
C PRO A 61 -13.07 -14.37 7.52
N ARG A 62 -11.83 -13.88 7.62
CA ARG A 62 -10.67 -14.73 7.80
C ARG A 62 -10.58 -15.11 9.29
N ILE A 63 -10.30 -16.40 9.57
CA ILE A 63 -10.14 -16.90 10.94
C ILE A 63 -8.72 -16.57 11.40
N GLN A 64 -8.57 -15.96 12.57
CA GLN A 64 -7.27 -15.57 13.09
C GLN A 64 -6.93 -16.25 14.41
N ARG A 65 -5.83 -17.03 14.41
CA ARG A 65 -5.24 -17.69 15.58
C ARG A 65 -4.28 -16.64 16.14
N LEU A 66 -4.43 -16.27 17.41
CA LEU A 66 -3.62 -15.21 18.03
C LEU A 66 -2.26 -15.73 18.55
N ASN A 67 -1.30 -15.89 17.63
CA ASN A 67 0.04 -16.41 17.97
C ASN A 67 1.16 -15.55 17.41
N GLU A 68 1.95 -14.96 18.33
CA GLU A 68 3.11 -14.12 18.04
C GLU A 68 4.18 -14.93 17.32
N LEU A 69 4.79 -14.34 16.26
CA LEU A 69 5.87 -14.90 15.43
C LEU A 69 5.42 -16.10 14.57
N GLU A 70 4.11 -16.35 14.46
CA GLU A 70 3.57 -17.43 13.65
C GLU A 70 3.18 -16.85 12.29
N ALA A 71 3.81 -17.38 11.23
CA ALA A 71 3.63 -16.99 9.84
C ALA A 71 2.17 -17.02 9.42
N GLN A 72 1.76 -15.98 8.68
CA GLN A 72 0.43 -15.77 8.15
C GLN A 72 0.54 -15.21 6.73
N THR A 73 -0.44 -15.49 5.87
CA THR A 73 -0.43 -14.93 4.52
C THR A 73 -1.01 -13.52 4.57
N ARG A 74 -0.45 -12.60 3.74
CA ARG A 74 -0.87 -11.19 3.65
C ARG A 74 -2.36 -11.12 3.22
N VAL A 75 -2.82 -12.10 2.40
CA VAL A 75 -4.20 -12.26 1.93
C VAL A 75 -4.54 -13.79 1.75
N LYS A 76 -5.70 -14.22 2.31
CA LYS A 76 -6.28 -15.58 2.24
C LYS A 76 -7.69 -15.58 2.83
N ALA A 82 -14.61 -21.47 8.02
CA ALA A 82 -15.08 -20.10 7.84
C ALA A 82 -16.53 -20.04 7.34
N ARG A 83 -17.35 -19.18 7.97
CA ARG A 83 -18.77 -19.02 7.65
C ARG A 83 -19.11 -17.63 7.08
N ASP A 84 -20.35 -17.46 6.64
CA ASP A 84 -20.83 -16.19 6.10
C ASP A 84 -21.52 -15.35 7.16
N TYR A 85 -21.28 -14.04 7.12
CA TYR A 85 -21.87 -13.11 8.08
C TYR A 85 -22.46 -11.88 7.43
N THR A 86 -23.43 -11.26 8.08
CA THR A 86 -23.98 -10.01 7.61
C THR A 86 -23.36 -9.06 8.60
N LEU A 87 -23.30 -7.78 8.28
CA LEU A 87 -22.70 -6.80 9.18
C LEU A 87 -23.41 -6.86 10.56
N ARG A 88 -24.73 -7.20 10.58
CA ARG A 88 -25.51 -7.35 11.81
C ARG A 88 -25.10 -8.60 12.62
N THR A 89 -25.05 -9.77 11.98
CA THR A 89 -24.72 -11.05 12.62
C THR A 89 -23.26 -11.08 13.12
N PHE A 90 -22.36 -10.39 12.40
CA PHE A 90 -20.95 -10.25 12.77
C PHE A 90 -20.85 -9.44 14.06
N GLY A 91 -21.58 -8.34 14.12
CA GLY A 91 -21.61 -7.47 15.29
C GLY A 91 -22.15 -8.13 16.53
N GLU A 92 -23.17 -9.00 16.38
CA GLU A 92 -23.77 -9.76 17.49
C GLU A 92 -22.72 -10.73 18.04
N MET A 93 -22.01 -11.45 17.14
CA MET A 93 -20.92 -12.37 17.42
C MET A 93 -19.75 -11.64 18.12
N ALA A 94 -19.30 -10.51 17.54
CA ALA A 94 -18.18 -9.69 18.01
C ALA A 94 -18.45 -9.12 19.40
N ASP A 95 -19.68 -8.61 19.63
CA ASP A 95 -20.09 -8.05 20.93
C ASP A 95 -20.20 -9.11 21.99
N ALA A 96 -20.83 -10.26 21.68
CA ALA A 96 -20.94 -11.39 22.62
C ALA A 96 -19.54 -11.91 22.98
N PHE A 97 -18.61 -11.99 22.00
CA PHE A 97 -17.24 -12.41 22.22
C PHE A 97 -16.54 -11.54 23.27
N LYS A 98 -16.46 -10.22 23.03
CA LYS A 98 -15.79 -9.26 23.90
C LYS A 98 -16.34 -9.25 25.33
N SER A 99 -17.68 -9.13 25.46
CA SER A 99 -18.39 -9.12 26.75
C SER A 99 -18.16 -10.43 27.51
N ASP A 100 -18.17 -11.59 26.81
CA ASP A 100 -17.90 -12.90 27.44
C ASP A 100 -16.43 -13.05 27.83
N TYR A 101 -15.52 -12.42 27.07
CA TYR A 101 -14.08 -12.52 27.32
C TYR A 101 -13.68 -11.86 28.61
N PHE A 102 -14.22 -10.66 28.87
CA PHE A 102 -13.89 -9.85 30.05
C PHE A 102 -14.93 -9.93 31.13
N ASN A 103 -16.11 -10.49 30.81
CA ASN A 103 -17.27 -10.53 31.71
C ASN A 103 -17.65 -9.09 32.13
N MET A 104 -17.70 -8.21 31.14
CA MET A 104 -18.00 -6.80 31.34
C MET A 104 -18.89 -6.29 30.23
N PRO A 105 -19.68 -5.20 30.44
CA PRO A 105 -20.36 -4.56 29.29
C PRO A 105 -19.28 -4.07 28.30
N VAL A 106 -19.48 -4.16 26.99
CA VAL A 106 -18.41 -3.81 26.05
C VAL A 106 -17.80 -2.41 26.15
N HIS A 107 -18.60 -1.39 26.40
CA HIS A 107 -18.08 -0.03 26.53
C HIS A 107 -17.26 0.18 27.80
N MET A 108 -17.35 -0.75 28.74
CA MET A 108 -16.67 -0.62 30.01
C MET A 108 -15.25 -1.19 30.02
N VAL A 109 -14.83 -1.87 28.95
CA VAL A 109 -13.49 -2.46 28.89
C VAL A 109 -12.42 -1.38 28.54
N PRO A 110 -11.53 -1.00 29.49
CA PRO A 110 -10.49 0.01 29.19
C PRO A 110 -9.59 -0.41 28.03
N THR A 111 -9.21 0.57 27.16
CA THR A 111 -8.37 0.34 25.98
C THR A 111 -6.99 -0.21 26.35
N GLU A 112 -6.43 0.32 27.45
CA GLU A 112 -5.11 -0.04 28.00
C GLU A 112 -5.09 -1.50 28.41
N LEU A 113 -6.23 -2.00 28.92
CA LEU A 113 -6.45 -3.38 29.31
C LEU A 113 -6.55 -4.30 28.09
N VAL A 114 -7.35 -3.94 27.08
CA VAL A 114 -7.46 -4.74 25.84
C VAL A 114 -6.08 -4.87 25.17
N GLU A 115 -5.30 -3.77 25.17
CA GLU A 115 -3.93 -3.71 24.63
C GLU A 115 -2.99 -4.67 25.34
N LYS A 116 -2.92 -4.62 26.69
CA LYS A 116 -2.11 -5.52 27.54
C LYS A 116 -2.56 -6.97 27.36
N GLU A 117 -3.89 -7.20 27.30
CA GLU A 117 -4.49 -8.51 27.10
C GLU A 117 -4.13 -9.10 25.75
N PHE A 118 -4.21 -8.29 24.69
CA PHE A 118 -3.84 -8.73 23.34
C PHE A 118 -2.40 -9.25 23.34
N TRP A 119 -1.45 -8.47 23.89
CA TRP A 119 -0.04 -8.82 23.92
C TRP A 119 0.28 -10.01 24.86
N ARG A 120 -0.52 -10.21 25.91
CA ARG A 120 -0.35 -11.36 26.78
C ARG A 120 -0.83 -12.59 25.98
N LEU A 121 -2.05 -12.53 25.46
CA LEU A 121 -2.73 -13.53 24.65
C LEU A 121 -1.88 -14.13 23.51
N VAL A 122 -1.20 -13.26 22.72
CA VAL A 122 -0.40 -13.68 21.55
C VAL A 122 0.92 -14.39 21.93
N SER A 123 1.46 -14.11 23.12
CA SER A 123 2.70 -14.70 23.62
C SER A 123 2.46 -15.96 24.46
N THR A 124 1.23 -16.19 24.94
CA THR A 124 0.89 -17.37 25.76
C THR A 124 0.54 -18.56 24.85
N ILE A 125 1.44 -19.52 24.81
CA ILE A 125 1.38 -20.79 24.04
C ILE A 125 0.12 -21.56 24.41
N GLU A 126 -0.23 -21.54 25.71
CA GLU A 126 -1.30 -22.25 26.38
C GLU A 126 -2.72 -21.82 26.00
N GLU A 127 -2.92 -20.55 25.60
CA GLU A 127 -4.23 -20.06 25.18
C GLU A 127 -4.38 -20.15 23.66
N ASP A 128 -5.44 -20.81 23.17
CA ASP A 128 -5.66 -20.97 21.72
C ASP A 128 -6.88 -20.17 21.22
N VAL A 129 -6.88 -18.86 21.55
CA VAL A 129 -7.95 -17.93 21.19
C VAL A 129 -7.93 -17.61 19.70
N THR A 130 -9.09 -17.78 19.06
CA THR A 130 -9.32 -17.48 17.65
C THR A 130 -10.44 -16.44 17.51
N VAL A 131 -10.22 -15.50 16.57
CA VAL A 131 -11.18 -14.42 16.25
C VAL A 131 -11.43 -14.43 14.72
N GLU A 132 -12.27 -13.50 14.24
CA GLU A 132 -12.60 -13.36 12.83
C GLU A 132 -12.44 -11.92 12.37
N TYR A 133 -11.98 -11.71 11.13
CA TYR A 133 -11.74 -10.37 10.64
C TYR A 133 -12.30 -10.22 9.24
N GLY A 134 -13.27 -9.30 9.08
CA GLY A 134 -13.82 -8.95 7.78
C GLY A 134 -12.80 -8.07 7.12
N ALA A 135 -11.70 -8.66 6.65
CA ALA A 135 -10.59 -7.92 6.09
C ALA A 135 -10.57 -7.97 4.60
N ASP A 136 -9.98 -6.92 4.00
CA ASP A 136 -9.81 -6.71 2.55
C ASP A 136 -11.08 -7.01 1.73
N ILE A 137 -12.21 -6.48 2.18
CA ILE A 137 -13.47 -6.56 1.47
C ILE A 137 -13.36 -5.39 0.47
N ALA A 138 -13.54 -5.68 -0.84
CA ALA A 138 -13.44 -4.67 -1.88
C ALA A 138 -14.63 -3.72 -1.91
N SER A 139 -14.35 -2.41 -2.02
CA SER A 139 -15.37 -1.38 -2.15
C SER A 139 -16.15 -1.52 -3.46
N LYS A 140 -15.55 -2.15 -4.50
CA LYS A 140 -16.22 -2.33 -5.80
C LYS A 140 -17.52 -3.16 -5.71
N GLU A 141 -17.52 -4.21 -4.87
CA GLU A 141 -18.67 -5.11 -4.72
C GLU A 141 -19.66 -4.71 -3.61
N PHE A 142 -19.17 -4.38 -2.41
N PHE A 142 -19.12 -4.41 -2.41
CA PHE A 142 -20.09 -4.06 -1.32
CA PHE A 142 -19.76 -4.07 -1.13
C PHE A 142 -20.24 -2.55 -1.04
C PHE A 142 -20.14 -2.58 -1.00
N GLY A 143 -19.55 -1.72 -1.83
CA GLY A 143 -19.71 -0.27 -1.78
C GLY A 143 -18.91 0.41 -0.68
N SER A 144 -18.62 1.68 -0.89
CA SER A 144 -17.87 2.55 0.01
C SER A 144 -18.74 3.02 1.21
N GLY A 145 -18.10 3.27 2.34
CA GLY A 145 -18.74 3.83 3.53
C GLY A 145 -18.97 5.32 3.35
N PHE A 146 -18.34 5.91 2.30
CA PHE A 146 -18.48 7.32 1.91
C PHE A 146 -19.50 7.50 0.79
N PRO A 147 -20.17 8.70 0.68
CA PRO A 147 -21.10 8.94 -0.43
C PRO A 147 -20.42 8.89 -1.79
N VAL A 148 -21.10 8.26 -2.77
CA VAL A 148 -20.63 8.13 -4.16
C VAL A 148 -21.76 8.45 -5.14
N ARG A 149 -21.39 8.92 -6.34
CA ARG A 149 -22.37 9.21 -7.38
C ARG A 149 -22.91 7.88 -7.96
N ASP A 150 -24.23 7.65 -7.81
CA ASP A 150 -24.95 6.45 -8.26
C ASP A 150 -26.23 6.89 -9.00
N GLY A 151 -26.43 6.34 -10.21
CA GLY A 151 -27.58 6.64 -11.06
C GLY A 151 -28.89 6.08 -10.54
N ILE A 153 -28.99 6.13 -7.26
CA ILE A 153 -29.81 6.44 -6.10
C ILE A 153 -29.72 7.92 -5.72
N LYS A 154 -30.76 8.44 -5.04
CA LYS A 154 -30.81 9.84 -4.61
C LYS A 154 -30.07 10.04 -3.28
N LEU A 155 -29.17 11.05 -3.26
CA LEU A 155 -28.38 11.40 -2.09
C LEU A 155 -28.92 12.69 -1.45
N SER A 156 -28.92 12.73 -0.10
CA SER A 156 -29.34 13.88 0.68
C SER A 156 -28.31 15.02 0.50
N PRO A 157 -28.69 16.33 0.56
CA PRO A 157 -27.68 17.39 0.40
C PRO A 157 -26.48 17.25 1.37
N GLU A 158 -26.71 16.62 2.56
CA GLU A 158 -25.68 16.31 3.57
C GLU A 158 -24.62 15.35 2.98
N GLU A 159 -25.06 14.30 2.25
CA GLU A 159 -24.20 13.35 1.55
C GLU A 159 -23.51 14.02 0.33
N GLU A 160 -24.18 15.02 -0.31
CA GLU A 160 -23.66 15.73 -1.50
C GLU A 160 -22.49 16.68 -1.18
N GLU A 161 -22.44 17.18 0.08
CA GLU A 161 -21.38 18.01 0.65
C GLU A 161 -20.03 17.22 0.63
N TYR A 162 -20.10 15.91 0.91
CA TYR A 162 -18.98 15.00 1.04
C TYR A 162 -18.67 14.19 -0.20
N LEU A 163 -19.46 14.36 -1.27
CA LEU A 163 -19.29 13.66 -2.53
C LEU A 163 -17.97 14.00 -3.21
N ASP A 164 -17.59 15.28 -3.14
CA ASP A 164 -16.42 15.80 -3.83
C ASP A 164 -15.25 16.14 -2.91
N SER A 165 -15.33 15.78 -1.61
CA SER A 165 -14.25 15.99 -0.66
C SER A 165 -13.02 15.17 -1.04
N GLY A 166 -11.83 15.77 -0.90
CA GLY A 166 -10.57 15.09 -1.11
C GLY A 166 -10.31 14.03 -0.06
N TRP A 167 -11.04 14.10 1.09
CA TRP A 167 -10.96 13.15 2.21
C TRP A 167 -11.98 12.02 2.05
N ASN A 168 -12.88 12.12 1.06
CA ASN A 168 -13.77 11.02 0.72
C ASN A 168 -12.77 10.10 -0.01
N LEU A 169 -12.51 8.91 0.56
CA LEU A 169 -11.43 8.03 0.07
C LEU A 169 -11.65 7.50 -1.35
N ASN A 170 -12.81 7.77 -1.95
CA ASN A 170 -13.06 7.42 -3.35
C ASN A 170 -12.43 8.43 -4.29
N ASN A 171 -12.23 9.67 -3.81
CA ASN A 171 -11.71 10.81 -4.58
C ASN A 171 -10.20 10.99 -4.53
N MET A 172 -9.58 10.65 -3.38
CA MET A 172 -8.15 10.75 -3.15
C MET A 172 -7.31 10.13 -4.30
N PRO A 173 -7.55 8.87 -4.76
CA PRO A 173 -6.74 8.34 -5.86
C PRO A 173 -6.84 9.04 -7.21
N VAL A 174 -8.02 9.62 -7.54
CA VAL A 174 -8.26 10.24 -8.85
C VAL A 174 -7.95 11.76 -8.86
N MET A 175 -7.38 12.33 -7.79
CA MET A 175 -6.98 13.76 -7.80
C MET A 175 -5.67 13.97 -8.61
N GLU A 176 -5.40 15.21 -9.10
N GLU A 176 -5.40 15.21 -9.05
CA GLU A 176 -4.19 15.49 -9.92
CA GLU A 176 -4.24 15.59 -9.86
C GLU A 176 -2.86 15.42 -9.12
C GLU A 176 -2.89 15.49 -9.12
N GLN A 177 -2.91 15.57 -7.77
CA GLN A 177 -1.71 15.50 -6.90
C GLN A 177 -1.24 14.05 -6.64
N SER A 178 -2.13 13.11 -6.98
CA SER A 178 -1.96 11.67 -6.97
C SER A 178 -1.27 11.25 -8.30
N VAL A 179 -0.33 10.30 -8.26
CA VAL A 179 0.37 9.89 -9.49
C VAL A 179 -0.19 8.53 -10.01
N LEU A 180 -0.85 7.72 -9.14
CA LEU A 180 -1.46 6.43 -9.51
C LEU A 180 -2.73 6.65 -10.32
N ALA A 181 -3.22 7.91 -10.35
CA ALA A 181 -4.42 8.38 -11.04
C ALA A 181 -4.35 8.15 -12.52
N HIS A 182 -3.19 8.48 -13.09
N HIS A 182 -3.23 8.52 -13.14
CA HIS A 182 -2.85 8.44 -14.49
CA HIS A 182 -3.08 8.42 -14.59
C HIS A 182 -2.66 7.03 -15.04
C HIS A 182 -2.74 6.99 -15.07
N ILE A 183 -2.45 6.03 -14.15
CA ILE A 183 -2.22 4.61 -14.53
C ILE A 183 -3.50 4.02 -15.16
N THR A 184 -3.37 3.55 -16.41
CA THR A 184 -4.46 2.94 -17.17
C THR A 184 -4.62 1.48 -16.76
N ALA A 185 -3.47 0.77 -16.60
CA ALA A 185 -3.33 -0.64 -16.18
C ALA A 185 -4.18 -1.02 -14.95
N ASP A 186 -4.62 -2.30 -14.91
CA ASP A 186 -5.46 -2.87 -13.85
C ASP A 186 -4.66 -3.09 -12.57
N ILE A 187 -4.84 -2.17 -11.59
CA ILE A 187 -4.18 -2.19 -10.28
C ILE A 187 -5.22 -1.90 -9.16
N CYS A 188 -6.41 -2.53 -9.24
CA CYS A 188 -7.55 -2.38 -8.31
C CYS A 188 -7.18 -2.41 -6.80
N GLY A 189 -6.08 -3.08 -6.47
CA GLY A 189 -5.55 -3.16 -5.12
C GLY A 189 -4.97 -1.86 -4.58
N MET A 190 -4.64 -0.91 -5.49
CA MET A 190 -4.01 0.39 -5.18
C MET A 190 -4.81 1.65 -5.59
N LYS A 191 -5.95 1.47 -6.28
CA LYS A 191 -6.79 2.59 -6.71
C LYS A 191 -8.16 2.59 -5.99
N LEU A 192 -8.62 1.42 -5.55
CA LEU A 192 -9.95 1.29 -4.96
C LEU A 192 -9.93 1.01 -3.47
N PRO A 193 -10.85 1.64 -2.69
CA PRO A 193 -10.85 1.43 -1.24
C PRO A 193 -11.21 0.01 -0.77
N TRP A 194 -10.65 -0.36 0.36
CA TRP A 194 -10.86 -1.65 1.02
C TRP A 194 -11.57 -1.39 2.32
N LEU A 195 -12.42 -2.32 2.73
CA LEU A 195 -13.20 -2.20 3.94
C LEU A 195 -12.78 -3.25 4.92
N TYR A 196 -12.68 -2.84 6.21
CA TYR A 196 -12.29 -3.72 7.31
C TYR A 196 -13.34 -3.68 8.40
N VAL A 197 -13.96 -4.83 8.64
CA VAL A 197 -14.97 -5.05 9.67
C VAL A 197 -14.24 -5.80 10.80
N GLY A 198 -13.93 -5.08 11.86
CA GLY A 198 -13.20 -5.62 12.99
C GLY A 198 -14.06 -6.08 14.14
N MET A 199 -13.43 -6.85 15.01
CA MET A 199 -13.94 -7.34 16.29
C MET A 199 -12.77 -7.26 17.29
N CYS A 200 -13.05 -7.45 18.59
CA CYS A 200 -12.01 -7.42 19.62
C CYS A 200 -10.91 -8.44 19.29
N PHE A 201 -9.65 -7.95 19.22
CA PHE A 201 -8.42 -8.72 18.98
C PHE A 201 -8.16 -9.12 17.51
N SER A 202 -9.09 -8.82 16.55
CA SER A 202 -8.84 -9.06 15.12
C SER A 202 -7.65 -8.17 14.74
N SER A 203 -6.68 -8.68 13.95
CA SER A 203 -5.45 -7.90 13.79
C SER A 203 -4.87 -7.86 12.41
N PHE A 204 -3.90 -6.96 12.25
CA PHE A 204 -3.10 -6.77 11.04
C PHE A 204 -1.64 -6.85 11.48
N CYS A 205 -0.91 -7.73 10.82
CA CYS A 205 0.50 -8.07 11.03
C CYS A 205 1.38 -6.96 10.56
N TRP A 206 2.65 -6.97 10.97
CA TRP A 206 3.65 -6.01 10.52
C TRP A 206 3.85 -6.11 8.99
N HIS A 207 3.76 -4.97 8.30
CA HIS A 207 3.93 -4.94 6.84
C HIS A 207 4.13 -3.51 6.37
N ILE A 208 4.47 -3.38 5.11
CA ILE A 208 4.56 -2.12 4.37
C ILE A 208 3.68 -2.24 3.13
N GLU A 209 3.32 -1.09 2.53
CA GLU A 209 2.47 -1.07 1.35
C GLU A 209 3.21 -1.44 0.11
N ASP A 210 2.48 -1.96 -0.86
CA ASP A 210 3.02 -2.32 -2.17
C ASP A 210 3.57 -1.07 -2.82
N HIS A 211 4.77 -1.19 -3.44
CA HIS A 211 5.53 -0.12 -4.10
C HIS A 211 5.88 1.05 -3.16
N TRP A 212 5.91 0.76 -1.85
CA TRP A 212 6.19 1.69 -0.74
C TRP A 212 5.26 2.91 -0.77
N SER A 213 4.01 2.68 -1.17
CA SER A 213 3.00 3.72 -1.26
C SER A 213 2.53 4.17 0.13
N TYR A 214 1.86 5.32 0.18
CA TYR A 214 1.25 5.83 1.40
C TYR A 214 -0.05 5.06 1.56
N SER A 215 -0.65 5.14 2.71
CA SER A 215 -2.01 4.63 2.90
C SER A 215 -2.72 5.61 3.79
N ILE A 216 -4.04 5.72 3.62
CA ILE A 216 -4.94 6.57 4.40
C ILE A 216 -6.11 5.67 4.82
N ASN A 217 -6.39 5.62 6.15
N ASN A 217 -6.43 5.72 6.10
CA ASN A 217 -7.43 4.79 6.80
CA ASN A 217 -7.41 4.85 6.75
C ASN A 217 -8.38 5.67 7.58
C ASN A 217 -8.37 5.68 7.57
N TYR A 218 -9.68 5.51 7.33
CA TYR A 218 -10.73 6.21 8.06
C TYR A 218 -11.53 5.20 8.88
N LEU A 219 -11.67 5.48 10.17
CA LEU A 219 -12.53 4.65 11.02
C LEU A 219 -13.92 5.25 10.95
N HIS A 220 -14.85 4.66 10.17
CA HIS A 220 -16.21 5.20 10.03
C HIS A 220 -17.00 5.23 11.35
N TRP A 221 -16.98 4.08 12.09
CA TRP A 221 -17.71 3.92 13.34
C TRP A 221 -17.20 2.72 14.14
N GLY A 222 -17.64 2.64 15.39
CA GLY A 222 -17.32 1.54 16.28
C GLY A 222 -16.18 1.79 17.25
N GLU A 223 -15.74 0.70 17.88
CA GLU A 223 -14.67 0.76 18.88
C GLU A 223 -13.30 1.04 18.23
N PRO A 224 -12.36 1.63 18.99
CA PRO A 224 -11.08 2.04 18.39
C PRO A 224 -10.24 0.95 17.71
N LYS A 225 -9.37 1.41 16.81
CA LYS A 225 -8.38 0.59 16.15
C LYS A 225 -7.03 1.03 16.74
N THR A 226 -6.27 0.07 17.33
CA THR A 226 -4.96 0.33 17.90
C THR A 226 -3.91 0.09 16.83
N TRP A 227 -3.01 1.06 16.66
CA TRP A 227 -1.94 1.05 15.68
C TRP A 227 -0.56 1.08 16.29
N TYR A 228 0.41 0.42 15.63
CA TYR A 228 1.83 0.50 15.95
C TYR A 228 2.51 0.85 14.64
N GLY A 229 3.43 1.81 14.69
CA GLY A 229 4.11 2.29 13.50
C GLY A 229 5.60 2.47 13.70
N VAL A 230 6.35 2.29 12.62
CA VAL A 230 7.81 2.44 12.60
C VAL A 230 8.16 3.37 11.42
N PRO A 231 9.03 4.40 11.59
CA PRO A 231 9.38 5.26 10.45
C PRO A 231 10.05 4.49 9.30
N GLY A 232 9.96 5.07 8.10
CA GLY A 232 10.54 4.49 6.90
C GLY A 232 12.03 4.30 6.97
N TYR A 233 12.74 5.19 7.70
CA TYR A 233 14.19 5.10 7.85
C TYR A 233 14.64 3.86 8.63
N ALA A 234 13.76 3.32 9.52
CA ALA A 234 14.04 2.14 10.37
C ALA A 234 13.53 0.82 9.75
N ALA A 235 13.11 0.84 8.49
CA ALA A 235 12.58 -0.33 7.77
C ALA A 235 13.51 -1.56 7.76
N GLU A 236 14.77 -1.40 7.30
CA GLU A 236 15.73 -2.49 7.26
C GLU A 236 16.14 -2.97 8.64
N GLN A 237 16.17 -2.04 9.62
CA GLN A 237 16.46 -2.32 11.02
C GLN A 237 15.39 -3.27 11.62
N LEU A 238 14.09 -3.02 11.35
CA LEU A 238 12.96 -3.88 11.76
C LEU A 238 13.11 -5.24 11.10
N GLU A 239 13.39 -5.24 9.77
CA GLU A 239 13.57 -6.46 8.99
C GLU A 239 14.72 -7.34 9.52
N ASN A 240 15.84 -6.72 9.94
CA ASN A 240 16.97 -7.43 10.52
C ASN A 240 16.58 -8.09 11.85
N VAL A 241 15.78 -7.39 12.67
CA VAL A 241 15.27 -7.88 13.96
C VAL A 241 14.31 -9.07 13.70
N MET A 242 13.37 -8.91 12.78
CA MET A 242 12.39 -9.95 12.47
C MET A 242 13.01 -11.21 11.83
N LYS A 243 14.14 -11.05 11.10
CA LYS A 243 14.86 -12.15 10.46
C LYS A 243 15.57 -13.06 11.50
N LYS A 244 16.14 -12.46 12.57
CA LYS A 244 16.82 -13.22 13.62
C LYS A 244 15.84 -14.01 14.49
N LEU A 245 14.66 -13.44 14.74
CA LEU A 245 13.63 -14.02 15.61
C LEU A 245 12.60 -14.90 14.89
N ALA A 246 12.41 -14.74 13.57
CA ALA A 246 11.48 -15.54 12.77
C ALA A 246 11.96 -15.65 11.30
N PRO A 247 13.06 -16.42 11.04
CA PRO A 247 13.58 -16.52 9.66
C PRO A 247 12.67 -17.26 8.68
N LYS A 248 11.73 -18.06 9.22
CA LYS A 248 10.73 -18.88 8.52
C LYS A 248 9.91 -18.08 7.50
N LEU A 249 9.51 -16.84 7.85
CA LEU A 249 8.72 -15.96 7.00
C LEU A 249 9.58 -15.07 6.05
N PHE A 250 10.92 -15.17 6.15
CA PHE A 250 11.87 -14.41 5.33
C PHE A 250 12.33 -15.14 4.07
N VAL A 251 11.82 -16.37 3.83
CA VAL A 251 12.13 -17.19 2.66
C VAL A 251 11.54 -16.58 1.37
N SER A 252 12.22 -16.78 0.23
CA SER A 252 11.80 -16.27 -1.09
C SER A 252 10.44 -16.86 -1.47
N GLN A 253 9.55 -16.01 -2.01
CA GLN A 253 8.19 -16.39 -2.36
C GLN A 253 7.91 -16.33 -3.87
N PRO A 254 7.31 -17.40 -4.47
CA PRO A 254 7.07 -17.39 -5.93
C PRO A 254 5.79 -16.67 -6.37
N ASP A 255 5.21 -15.80 -5.49
CA ASP A 255 4.00 -15.01 -5.74
C ASP A 255 3.75 -13.92 -4.68
N LEU A 256 3.03 -12.84 -5.07
CA LEU A 256 2.62 -11.72 -4.22
C LEU A 256 1.49 -12.16 -3.25
N LEU A 257 0.61 -13.08 -3.71
CA LEU A 257 -0.51 -13.61 -2.92
C LEU A 257 -0.07 -14.56 -1.79
N HIS A 258 1.19 -15.02 -1.84
CA HIS A 258 1.78 -15.94 -0.87
C HIS A 258 2.69 -15.26 0.22
N GLN A 259 2.79 -13.90 0.22
CA GLN A 259 3.62 -13.10 1.16
C GLN A 259 3.40 -13.44 2.64
N LEU A 260 4.49 -13.72 3.39
CA LEU A 260 4.40 -14.12 4.81
C LEU A 260 4.67 -12.98 5.80
N VAL A 261 3.67 -12.72 6.64
CA VAL A 261 3.68 -11.66 7.64
C VAL A 261 3.40 -12.21 9.05
N THR A 262 3.72 -11.45 10.12
CA THR A 262 3.47 -11.90 11.49
C THR A 262 3.19 -10.81 12.50
N ILE A 263 2.69 -11.26 13.68
CA ILE A 263 2.43 -10.45 14.87
C ILE A 263 3.76 -10.50 15.66
N MET A 264 4.28 -9.34 16.04
CA MET A 264 5.49 -9.23 16.87
C MET A 264 5.28 -8.09 17.89
N ASN A 265 5.57 -8.36 19.17
CA ASN A 265 5.40 -7.36 20.21
C ASN A 265 6.28 -6.12 19.94
N PRO A 266 5.71 -4.88 19.95
CA PRO A 266 6.53 -3.69 19.75
C PRO A 266 7.63 -3.49 20.79
N ASN A 267 7.51 -4.08 22.04
CA ASN A 267 8.55 -4.01 23.07
C ASN A 267 9.80 -4.77 22.61
N THR A 268 9.62 -5.92 21.91
CA THR A 268 10.69 -6.71 21.29
C THR A 268 11.43 -5.81 20.26
N LEU A 269 10.71 -5.01 19.47
CA LEU A 269 11.36 -4.11 18.51
C LEU A 269 12.08 -2.97 19.24
N MET A 270 11.41 -2.39 20.25
CA MET A 270 11.93 -1.32 21.11
C MET A 270 13.22 -1.70 21.85
N THR A 271 13.30 -2.95 22.34
CA THR A 271 14.48 -3.55 22.99
C THR A 271 15.66 -3.58 21.99
N HIS A 272 15.37 -3.80 20.69
CA HIS A 272 16.40 -3.85 19.66
C HIS A 272 16.68 -2.49 19.02
N GLU A 273 16.22 -1.41 19.69
CA GLU A 273 16.43 0.01 19.33
C GLU A 273 15.73 0.43 18.01
N VAL A 274 14.60 -0.21 17.71
CA VAL A 274 13.76 0.14 16.56
C VAL A 274 12.72 1.15 17.08
N PRO A 275 12.64 2.39 16.54
CA PRO A 275 11.61 3.33 17.03
C PRO A 275 10.20 2.90 16.63
N VAL A 276 9.31 2.78 17.62
CA VAL A 276 7.91 2.35 17.51
C VAL A 276 7.01 3.40 18.18
N TYR A 277 5.92 3.77 17.48
CA TYR A 277 4.92 4.71 17.96
C TYR A 277 3.57 4.04 17.92
N ARG A 278 2.67 4.45 18.81
CA ARG A 278 1.32 3.89 18.89
C ARG A 278 0.26 4.99 18.75
N THR A 279 -0.99 4.56 18.59
CA THR A 279 -2.19 5.38 18.60
C THR A 279 -3.41 4.53 18.71
N ASN A 280 -4.46 5.10 19.29
CA ASN A 280 -5.80 4.56 19.30
C ASN A 280 -6.56 5.46 18.35
N GLN A 281 -6.91 4.93 17.18
CA GLN A 281 -7.68 5.65 16.18
C GLN A 281 -9.13 5.43 16.57
N CYS A 282 -9.85 6.52 16.81
CA CYS A 282 -11.26 6.48 17.19
C CYS A 282 -12.13 6.82 15.99
N ALA A 283 -13.44 6.52 16.09
CA ALA A 283 -14.43 6.74 15.04
C ALA A 283 -14.37 8.19 14.55
N GLY A 284 -14.26 8.40 13.24
CA GLY A 284 -14.20 9.73 12.66
C GLY A 284 -12.79 10.27 12.51
N GLU A 285 -11.79 9.45 12.84
CA GLU A 285 -10.40 9.86 12.70
C GLU A 285 -9.69 9.13 11.58
N PHE A 286 -8.67 9.79 11.02
CA PHE A 286 -7.82 9.21 9.99
C PHE A 286 -6.45 8.85 10.56
N VAL A 287 -5.84 7.84 9.95
CA VAL A 287 -4.45 7.43 10.18
C VAL A 287 -3.81 7.42 8.80
N ILE A 288 -2.64 8.04 8.68
CA ILE A 288 -1.87 8.08 7.45
C ILE A 288 -0.58 7.31 7.72
N THR A 289 -0.23 6.37 6.82
CA THR A 289 1.03 5.63 6.90
C THR A 289 1.90 6.20 5.78
N PHE A 290 3.18 6.43 6.09
CA PHE A 290 4.10 7.04 5.15
C PHE A 290 4.87 6.01 4.32
N PRO A 291 5.54 6.38 3.21
CA PRO A 291 6.27 5.35 2.43
C PRO A 291 7.30 4.53 3.24
N ARG A 292 7.27 3.19 3.05
N ARG A 292 7.26 3.19 3.06
CA ARG A 292 8.16 2.19 3.67
CA ARG A 292 8.14 2.20 3.69
C ARG A 292 8.05 2.21 5.24
C ARG A 292 8.01 2.18 5.24
N ALA A 293 6.94 2.76 5.76
CA ALA A 293 6.67 2.79 7.21
C ALA A 293 5.97 1.51 7.65
N TYR A 294 6.64 0.68 8.43
CA TYR A 294 6.05 -0.57 8.95
C TYR A 294 4.92 -0.28 9.93
N HIS A 295 3.82 -1.02 9.79
CA HIS A 295 2.66 -0.85 10.67
C HIS A 295 1.97 -2.19 10.97
N SER A 296 1.36 -2.26 12.12
CA SER A 296 0.58 -3.40 12.61
C SER A 296 -0.43 -2.85 13.63
N GLY A 297 -1.32 -3.71 14.08
CA GLY A 297 -2.33 -3.29 15.05
C GLY A 297 -3.44 -4.28 15.24
N PHE A 298 -4.43 -3.88 16.02
CA PHE A 298 -5.58 -4.73 16.32
C PHE A 298 -6.77 -3.85 16.64
N ASN A 299 -7.96 -4.43 16.57
CA ASN A 299 -9.20 -3.75 16.89
C ASN A 299 -9.59 -3.97 18.32
N GLN A 300 -10.11 -2.92 18.96
CA GLN A 300 -10.56 -2.94 20.36
C GLN A 300 -11.94 -3.58 20.49
N GLY A 301 -12.69 -3.58 19.40
CA GLY A 301 -14.03 -4.13 19.34
C GLY A 301 -14.60 -4.06 17.95
N PHE A 302 -15.93 -4.15 17.86
CA PHE A 302 -16.71 -4.09 16.63
C PHE A 302 -16.56 -2.71 15.99
N ASN A 303 -16.11 -2.69 14.72
CA ASN A 303 -15.85 -1.45 14.02
C ASN A 303 -15.86 -1.63 12.53
N PHE A 304 -15.79 -0.51 11.82
CA PHE A 304 -15.83 -0.47 10.38
C PHE A 304 -14.91 0.63 9.89
N ALA A 305 -13.92 0.23 9.10
CA ALA A 305 -12.93 1.12 8.54
C ALA A 305 -12.84 0.93 7.05
N GLU A 306 -12.28 1.96 6.39
CA GLU A 306 -12.09 2.06 4.98
C GLU A 306 -10.68 2.60 4.73
N ALA A 307 -10.00 2.04 3.72
CA ALA A 307 -8.64 2.47 3.40
C ALA A 307 -8.33 2.42 1.93
N VAL A 308 -7.36 3.24 1.51
CA VAL A 308 -6.86 3.28 0.14
C VAL A 308 -5.38 3.68 0.16
N ASN A 309 -4.61 3.20 -0.81
CA ASN A 309 -3.19 3.55 -1.00
C ASN A 309 -3.15 4.75 -1.90
N PHE A 310 -2.05 5.50 -1.86
CA PHE A 310 -1.87 6.66 -2.73
C PHE A 310 -0.41 7.03 -2.90
N CYS A 311 -0.13 7.74 -3.98
CA CYS A 311 1.21 8.15 -4.32
C CYS A 311 1.26 9.62 -4.66
N THR A 312 2.12 10.37 -3.96
CA THR A 312 2.30 11.79 -4.18
C THR A 312 3.57 11.97 -5.05
N VAL A 313 3.93 13.23 -5.38
CA VAL A 313 5.14 13.56 -6.13
C VAL A 313 6.39 13.32 -5.27
N ASP A 314 6.25 13.48 -3.92
CA ASP A 314 7.30 13.23 -2.91
C ASP A 314 7.77 11.76 -2.98
N TRP A 315 6.84 10.86 -3.36
CA TRP A 315 7.02 9.41 -3.44
C TRP A 315 7.75 8.91 -4.70
N LEU A 316 7.60 9.57 -5.88
CA LEU A 316 8.20 9.11 -7.15
C LEU A 316 9.63 8.55 -7.03
N PRO A 317 10.65 9.26 -6.42
CA PRO A 317 11.99 8.62 -6.30
C PRO A 317 11.98 7.32 -5.48
N LEU A 318 11.14 7.24 -4.42
CA LEU A 318 11.00 6.05 -3.57
C LEU A 318 10.36 4.90 -4.35
N GLY A 319 9.41 5.23 -5.22
CA GLY A 319 8.78 4.25 -6.10
C GLY A 319 9.79 3.58 -7.03
N ARG A 320 10.78 4.36 -7.52
CA ARG A 320 11.89 3.88 -8.36
C ARG A 320 12.84 3.00 -7.50
N GLN A 321 13.17 3.47 -6.27
N GLN A 321 13.19 3.46 -6.26
CA GLN A 321 14.03 2.75 -5.32
CA GLN A 321 14.04 2.73 -5.31
C GLN A 321 13.39 1.42 -4.86
C GLN A 321 13.38 1.39 -4.91
N CYS A 322 12.05 1.37 -4.78
CA CYS A 322 11.29 0.18 -4.43
C CYS A 322 11.42 -0.91 -5.48
N VAL A 323 11.22 -0.56 -6.75
CA VAL A 323 11.31 -1.46 -7.89
C VAL A 323 12.75 -2.02 -7.98
N GLU A 324 13.76 -1.17 -7.70
CA GLU A 324 15.16 -1.60 -7.66
C GLU A 324 15.31 -2.66 -6.52
N HIS A 325 14.66 -2.42 -5.36
CA HIS A 325 14.65 -3.32 -4.20
C HIS A 325 13.89 -4.65 -4.50
N TYR A 326 12.75 -4.58 -5.21
CA TYR A 326 11.99 -5.78 -5.63
C TYR A 326 12.86 -6.66 -6.56
N ARG A 327 13.66 -6.02 -7.44
CA ARG A 327 14.60 -6.66 -8.39
CA ARG A 327 14.57 -6.71 -8.37
C ARG A 327 15.59 -7.54 -7.59
N LEU A 328 16.28 -6.93 -6.59
CA LEU A 328 17.28 -7.55 -5.70
C LEU A 328 16.70 -8.76 -4.93
N LEU A 329 15.41 -8.69 -4.60
CA LEU A 329 14.67 -9.69 -3.83
C LEU A 329 13.87 -10.69 -4.67
N HIS A 330 13.81 -10.50 -6.00
CA HIS A 330 13.06 -11.33 -6.97
C HIS A 330 11.56 -11.30 -6.65
N ARG A 331 11.06 -10.11 -6.25
CA ARG A 331 9.66 -9.89 -5.89
C ARG A 331 8.89 -9.39 -7.11
N TYR A 332 7.66 -9.86 -7.28
CA TYR A 332 6.82 -9.40 -8.37
C TYR A 332 6.36 -7.95 -8.12
N CYS A 333 6.27 -7.16 -9.19
CA CYS A 333 5.80 -5.78 -9.15
C CYS A 333 4.30 -5.83 -9.32
N VAL A 334 3.61 -4.82 -8.83
CA VAL A 334 2.16 -4.68 -9.03
C VAL A 334 1.93 -4.00 -10.40
N PHE A 335 2.83 -3.10 -10.74
CA PHE A 335 2.85 -2.35 -11.99
C PHE A 335 4.30 -1.99 -12.33
N SER A 336 4.53 -1.56 -13.56
CA SER A 336 5.83 -1.05 -13.99
C SER A 336 5.86 0.47 -13.68
N HIS A 337 6.83 0.91 -12.88
CA HIS A 337 7.07 2.31 -12.52
C HIS A 337 7.44 3.15 -13.77
N ASP A 338 8.29 2.59 -14.64
CA ASP A 338 8.75 3.23 -15.87
C ASP A 338 7.60 3.43 -16.84
N GLU A 339 6.66 2.45 -16.93
CA GLU A 339 5.46 2.52 -17.77
C GLU A 339 4.58 3.67 -17.30
N MET A 340 4.45 3.83 -15.97
CA MET A 340 3.68 4.89 -15.33
C MET A 340 4.28 6.25 -15.67
N ILE A 341 5.61 6.42 -15.51
CA ILE A 341 6.37 7.63 -15.85
C ILE A 341 6.18 8.00 -17.35
N CYS A 342 6.21 7.02 -18.24
CA CYS A 342 6.06 7.25 -19.67
C CYS A 342 4.63 7.61 -20.07
N LYS A 343 3.64 7.05 -19.36
CA LYS A 343 2.23 7.38 -19.52
C LYS A 343 2.03 8.86 -19.12
N MET A 344 2.60 9.29 -17.98
CA MET A 344 2.50 10.68 -17.55
C MET A 344 3.22 11.63 -18.49
N ALA A 345 4.39 11.22 -19.03
CA ALA A 345 5.16 12.00 -20.00
C ALA A 345 4.33 12.22 -21.25
N SER A 346 3.58 11.19 -21.68
CA SER A 346 2.71 11.23 -22.87
C SER A 346 1.48 12.18 -22.70
N LYS A 347 1.15 12.57 -21.45
CA LYS A 347 0.06 13.50 -21.14
C LYS A 347 0.63 14.77 -20.49
N ALA A 348 1.87 15.16 -20.86
CA ALA A 348 2.55 16.32 -20.25
C ALA A 348 1.68 17.59 -20.20
N ASP A 349 0.99 17.90 -21.31
CA ASP A 349 0.10 19.06 -21.51
C ASP A 349 -1.02 19.19 -20.49
N VAL A 350 -1.52 18.07 -19.95
CA VAL A 350 -2.63 18.11 -18.99
C VAL A 350 -2.18 17.88 -17.52
N LEU A 351 -0.89 17.59 -17.28
CA LEU A 351 -0.41 17.35 -15.92
C LEU A 351 -0.28 18.65 -15.15
N ASP A 352 -0.44 18.59 -13.83
CA ASP A 352 -0.20 19.72 -12.94
C ASP A 352 1.29 20.08 -13.12
N VAL A 353 1.63 21.37 -13.06
CA VAL A 353 3.00 21.86 -13.31
C VAL A 353 4.04 21.28 -12.32
N VAL A 354 3.64 21.06 -11.04
CA VAL A 354 4.49 20.49 -9.97
C VAL A 354 4.72 19.00 -10.26
N VAL A 355 3.65 18.32 -10.69
CA VAL A 355 3.66 16.92 -11.07
C VAL A 355 4.61 16.74 -12.25
N ALA A 356 4.43 17.53 -13.34
CA ALA A 356 5.24 17.51 -14.58
C ALA A 356 6.74 17.67 -14.28
N SER A 357 7.08 18.60 -13.36
CA SER A 357 8.43 18.94 -12.89
C SER A 357 9.14 17.75 -12.21
N THR A 358 8.41 17.06 -11.30
CA THR A 358 8.86 15.89 -10.55
C THR A 358 8.99 14.68 -11.48
N VAL A 359 8.00 14.46 -12.38
CA VAL A 359 8.03 13.36 -13.36
C VAL A 359 9.26 13.53 -14.27
N GLN A 360 9.53 14.77 -14.70
CA GLN A 360 10.69 15.08 -15.54
C GLN A 360 12.01 14.66 -14.84
N LYS A 361 12.12 14.94 -13.52
CA LYS A 361 13.31 14.61 -12.72
C LYS A 361 13.57 13.10 -12.64
N ASP A 362 12.51 12.29 -12.45
CA ASP A 362 12.59 10.83 -12.42
C ASP A 362 12.92 10.28 -13.83
N MET A 363 12.27 10.86 -14.88
CA MET A 363 12.48 10.45 -16.26
C MET A 363 13.93 10.61 -16.70
N ALA A 364 14.61 11.68 -16.23
CA ALA A 364 16.02 11.97 -16.47
C ALA A 364 16.90 10.84 -15.92
N ILE A 365 16.54 10.29 -14.74
CA ILE A 365 17.26 9.17 -14.11
C ILE A 365 17.04 7.90 -14.95
N MET A 366 15.78 7.56 -15.21
CA MET A 366 15.36 6.43 -16.04
C MET A 366 16.09 6.40 -17.41
N ILE A 367 16.16 7.55 -18.11
CA ILE A 367 16.82 7.66 -19.43
C ILE A 367 18.32 7.42 -19.31
N GLU A 368 18.95 8.01 -18.30
CA GLU A 368 20.38 7.83 -18.05
C GLU A 368 20.73 6.39 -17.65
N ASP A 369 19.88 5.72 -16.85
CA ASP A 369 20.09 4.33 -16.49
C ASP A 369 19.89 3.44 -17.70
N GLU A 370 18.90 3.77 -18.55
CA GLU A 370 18.58 3.01 -19.76
C GLU A 370 19.73 3.04 -20.79
N LYS A 371 20.36 4.20 -20.94
CA LYS A 371 21.49 4.46 -21.82
C LYS A 371 22.67 3.54 -21.45
N ALA A 372 23.02 3.49 -20.16
CA ALA A 372 24.10 2.67 -19.61
C ALA A 372 23.85 1.18 -19.81
N LEU A 373 22.62 0.73 -19.50
CA LEU A 373 22.17 -0.65 -19.63
C LEU A 373 22.23 -1.13 -21.09
N ARG A 374 21.82 -0.25 -22.05
CA ARG A 374 21.85 -0.53 -23.49
C ARG A 374 23.28 -0.63 -24.00
N GLU A 375 24.20 0.19 -23.46
CA GLU A 375 25.63 0.17 -23.81
C GLU A 375 26.27 -1.13 -23.34
N THR A 376 25.94 -1.58 -22.12
CA THR A 376 26.44 -2.80 -21.51
C THR A 376 26.02 -4.06 -22.31
N VAL A 377 24.74 -4.14 -22.73
CA VAL A 377 24.23 -5.30 -23.46
C VAL A 377 24.75 -5.34 -24.91
N ARG A 378 25.11 -4.17 -25.48
CA ARG A 378 25.74 -4.12 -26.81
C ARG A 378 27.17 -4.71 -26.74
N LYS A 379 27.91 -4.34 -25.69
CA LYS A 379 29.26 -4.82 -25.39
C LYS A 379 29.27 -6.32 -25.04
N LEU A 380 28.08 -6.89 -24.73
CA LEU A 380 27.91 -8.32 -24.44
C LEU A 380 27.69 -9.13 -25.75
N GLY A 381 27.51 -8.44 -26.87
CA GLY A 381 27.32 -9.07 -28.16
C GLY A 381 25.90 -9.08 -28.68
N VAL A 382 24.97 -8.40 -28.01
CA VAL A 382 23.58 -8.32 -28.47
C VAL A 382 23.56 -7.19 -29.52
N ILE A 383 23.43 -7.55 -30.80
CA ILE A 383 23.48 -6.56 -31.88
C ILE A 383 22.11 -6.29 -32.48
N ASP A 384 21.31 -7.36 -32.66
CA ASP A 384 19.96 -7.19 -33.21
C ASP A 384 19.01 -6.59 -32.19
N SER A 385 18.02 -5.85 -32.69
CA SER A 385 17.06 -5.12 -31.90
C SER A 385 15.79 -4.91 -32.69
N GLU A 386 14.65 -4.82 -31.98
CA GLU A 386 13.34 -4.59 -32.59
C GLU A 386 12.46 -3.90 -31.56
N ARG A 387 11.70 -2.90 -31.95
CA ARG A 387 10.81 -2.19 -31.03
C ARG A 387 9.67 -3.09 -30.59
N MET A 388 9.27 -2.96 -29.34
CA MET A 388 8.17 -3.76 -28.81
C MET A 388 7.26 -2.94 -27.93
N ASP A 389 5.95 -3.10 -28.09
CA ASP A 389 4.97 -2.38 -27.27
C ASP A 389 4.70 -3.16 -26.01
N PHE A 390 5.62 -3.08 -25.06
CA PHE A 390 5.55 -3.79 -23.77
C PHE A 390 4.22 -3.64 -23.02
N GLU A 391 3.57 -2.46 -23.08
CA GLU A 391 2.30 -2.21 -22.37
C GLU A 391 1.15 -3.14 -22.80
N LEU A 392 1.20 -3.66 -24.04
CA LEU A 392 0.18 -4.55 -24.61
C LEU A 392 0.24 -5.97 -24.04
N LEU A 393 1.43 -6.38 -23.55
CA LEU A 393 1.62 -7.73 -23.01
C LEU A 393 1.09 -7.86 -21.61
N PRO A 394 0.32 -8.93 -21.31
CA PRO A 394 -0.09 -9.16 -19.92
C PRO A 394 1.18 -9.30 -19.05
N ASP A 395 1.15 -8.81 -17.80
CA ASP A 395 2.31 -8.84 -16.89
C ASP A 395 3.08 -10.17 -16.86
N ASP A 396 2.36 -11.31 -16.80
CA ASP A 396 2.99 -12.64 -16.76
C ASP A 396 3.79 -12.95 -18.01
N GLU A 397 3.49 -12.25 -19.11
CA GLU A 397 4.20 -12.41 -20.40
C GLU A 397 5.43 -11.49 -20.53
N ARG A 398 5.67 -10.60 -19.55
CA ARG A 398 6.80 -9.68 -19.63
C ARG A 398 7.58 -9.52 -18.31
N GLN A 399 7.80 -10.63 -17.61
CA GLN A 399 8.57 -10.66 -16.36
C GLN A 399 9.91 -11.29 -16.62
N CYS A 400 10.99 -10.69 -16.04
CA CYS A 400 12.37 -11.16 -16.11
C CYS A 400 12.38 -12.55 -15.50
N VAL A 401 12.89 -13.53 -16.27
CA VAL A 401 13.00 -14.94 -15.87
C VAL A 401 13.75 -15.09 -14.51
N LYS A 402 14.75 -14.21 -14.29
CA LYS A 402 15.58 -14.16 -13.11
C LYS A 402 15.00 -13.37 -11.95
N CYS A 403 14.81 -12.03 -12.08
CA CYS A 403 14.39 -11.19 -10.97
C CYS A 403 12.88 -10.94 -10.87
N LYS A 404 12.08 -11.40 -11.87
CA LYS A 404 10.62 -11.28 -11.93
C LYS A 404 10.11 -9.85 -12.16
N THR A 405 11.02 -8.87 -12.45
CA THR A 405 10.61 -7.49 -12.71
C THR A 405 9.69 -7.40 -13.93
N THR A 406 8.71 -6.48 -13.89
CA THR A 406 7.84 -6.24 -15.03
C THR A 406 8.62 -5.34 -16.00
N CYS A 407 8.93 -5.86 -17.17
CA CYS A 407 9.69 -5.11 -18.15
C CYS A 407 8.85 -4.10 -18.92
N PHE A 408 9.43 -2.93 -19.15
CA PHE A 408 8.77 -1.91 -19.95
C PHE A 408 9.72 -1.25 -20.94
N MET A 409 10.77 -0.65 -20.43
CA MET A 409 11.73 0.05 -21.27
C MET A 409 12.43 -0.85 -22.27
N SER A 410 12.81 -2.04 -21.82
CA SER A 410 13.49 -3.03 -22.65
C SER A 410 13.64 -4.37 -21.94
N ALA A 411 14.00 -5.38 -22.74
CA ALA A 411 14.19 -6.77 -22.32
C ALA A 411 15.02 -7.45 -23.41
N ILE A 412 15.56 -8.64 -23.10
CA ILE A 412 16.31 -9.43 -24.07
C ILE A 412 15.51 -10.72 -24.37
N SER A 413 15.43 -11.07 -25.66
CA SER A 413 14.78 -12.30 -26.14
C SER A 413 15.82 -13.15 -26.88
N CYS A 414 15.56 -14.45 -26.99
CA CYS A 414 16.42 -15.46 -27.61
C CYS A 414 15.53 -16.31 -28.51
N SER A 415 16.01 -16.60 -29.74
CA SER A 415 15.31 -17.49 -30.68
C SER A 415 15.29 -18.93 -30.13
N CYS A 416 16.28 -19.27 -29.29
CA CYS A 416 16.44 -20.57 -28.63
C CYS A 416 15.38 -20.82 -27.57
N LYS A 417 14.96 -19.78 -26.83
CA LYS A 417 13.94 -19.90 -25.79
C LYS A 417 12.77 -18.97 -26.12
N PRO A 418 11.87 -19.36 -27.07
CA PRO A 418 10.75 -18.48 -27.46
C PRO A 418 9.80 -18.11 -26.35
N GLY A 419 9.40 -16.85 -26.32
CA GLY A 419 8.49 -16.32 -25.32
C GLY A 419 9.17 -15.84 -24.05
N LEU A 420 10.38 -16.32 -23.76
CA LEU A 420 11.10 -15.91 -22.54
C LEU A 420 11.77 -14.54 -22.67
N LEU A 421 11.75 -13.78 -21.58
CA LEU A 421 12.38 -12.47 -21.51
C LEU A 421 13.21 -12.32 -20.24
N VAL A 422 14.31 -11.56 -20.33
CA VAL A 422 15.13 -11.13 -19.19
C VAL A 422 15.24 -9.59 -19.22
N CYS A 423 15.44 -8.94 -18.04
CA CYS A 423 15.69 -7.50 -18.01
C CYS A 423 17.18 -7.33 -18.39
N LEU A 424 17.63 -6.09 -18.66
CA LEU A 424 19.00 -5.82 -19.08
C LEU A 424 20.05 -6.05 -17.99
N HIS A 425 19.63 -6.38 -16.76
CA HIS A 425 20.53 -6.72 -15.67
C HIS A 425 20.89 -8.18 -15.71
N HIS A 426 20.00 -9.02 -16.28
CA HIS A 426 20.16 -10.48 -16.30
C HIS A 426 20.24 -11.12 -17.69
N VAL A 427 21.00 -10.49 -18.62
CA VAL A 427 21.23 -10.95 -19.99
C VAL A 427 21.75 -12.41 -20.03
N LYS A 428 22.70 -12.76 -19.13
CA LYS A 428 23.31 -14.09 -19.03
C LYS A 428 22.39 -15.21 -18.48
N GLU A 429 21.15 -14.90 -18.06
CA GLU A 429 20.19 -15.87 -17.47
C GLU A 429 19.11 -16.38 -18.42
N LEU A 430 19.05 -15.83 -19.64
CA LEU A 430 18.03 -16.15 -20.63
C LEU A 430 18.16 -17.55 -21.27
N CYS A 431 19.19 -17.78 -22.10
CA CYS A 431 19.36 -19.05 -22.81
C CYS A 431 20.84 -19.45 -22.77
N SER A 432 21.19 -20.59 -23.36
CA SER A 432 22.58 -21.05 -23.39
C SER A 432 23.12 -20.99 -24.83
N CYS A 433 22.62 -20.01 -25.59
CA CYS A 433 22.97 -19.75 -26.98
C CYS A 433 23.91 -18.56 -27.11
N PRO A 434 24.71 -18.43 -28.21
CA PRO A 434 25.59 -17.26 -28.35
C PRO A 434 24.83 -15.91 -28.36
N PRO A 435 25.50 -14.77 -28.04
CA PRO A 435 24.77 -13.47 -27.98
C PRO A 435 24.20 -12.96 -29.30
N TYR A 436 24.74 -13.42 -30.44
CA TYR A 436 24.25 -12.98 -31.75
C TYR A 436 22.84 -13.50 -32.06
N LYS A 437 22.37 -14.45 -31.24
CA LYS A 437 21.05 -15.06 -31.36
C LYS A 437 20.03 -14.33 -30.50
N TYR A 438 20.49 -13.35 -29.69
CA TYR A 438 19.63 -12.54 -28.81
C TYR A 438 19.14 -11.32 -29.55
N LYS A 439 18.08 -10.72 -29.05
CA LYS A 439 17.51 -9.51 -29.60
C LYS A 439 17.13 -8.55 -28.46
N LEU A 440 17.48 -7.28 -28.62
CA LEU A 440 17.08 -6.23 -27.72
C LEU A 440 15.69 -5.78 -28.15
N ARG A 441 14.71 -5.95 -27.26
CA ARG A 441 13.34 -5.52 -27.45
C ARG A 441 13.19 -4.28 -26.63
N TYR A 442 12.87 -3.16 -27.26
CA TYR A 442 12.82 -1.85 -26.58
C TYR A 442 11.54 -1.12 -26.86
N ARG A 443 11.04 -0.36 -25.89
CA ARG A 443 9.82 0.44 -26.12
C ARG A 443 10.11 1.71 -26.99
N TYR A 444 11.17 2.45 -26.65
CA TYR A 444 11.55 3.68 -27.33
C TYR A 444 13.02 3.70 -27.57
N THR A 445 13.43 4.41 -28.61
CA THR A 445 14.83 4.70 -28.88
C THR A 445 15.15 5.88 -27.92
N LEU A 446 16.43 6.12 -27.65
CA LEU A 446 16.86 7.23 -26.80
C LEU A 446 16.38 8.54 -27.39
N ASP A 447 16.35 8.62 -28.74
CA ASP A 447 15.86 9.77 -29.51
C ASP A 447 14.38 10.09 -29.31
N ASP A 448 13.51 9.07 -29.09
CA ASP A 448 12.08 9.29 -28.81
C ASP A 448 11.91 9.83 -27.38
N LEU A 449 12.77 9.38 -26.47
CA LEU A 449 12.69 9.70 -25.05
C LEU A 449 13.03 11.17 -24.67
N TYR A 450 14.01 11.79 -25.34
CA TYR A 450 14.42 13.17 -25.04
C TYR A 450 13.28 14.22 -25.32
N PRO A 451 12.50 14.14 -26.44
CA PRO A 451 11.35 15.07 -26.62
C PRO A 451 10.16 14.84 -25.66
N MET A 452 10.00 13.61 -25.14
CA MET A 452 8.93 13.28 -24.18
C MET A 452 9.24 14.04 -22.89
N MET A 453 10.53 14.11 -22.56
CA MET A 453 11.02 14.81 -21.40
C MET A 453 10.99 16.33 -21.58
N ASN A 454 11.20 16.81 -22.84
CA ASN A 454 11.11 18.23 -23.18
C ASN A 454 9.69 18.76 -23.04
N ALA A 455 8.69 17.93 -23.36
CA ALA A 455 7.27 18.29 -23.21
C ALA A 455 6.96 18.58 -21.74
N LEU A 456 7.50 17.77 -20.82
CA LEU A 456 7.34 17.92 -19.37
C LEU A 456 8.02 19.20 -18.86
N LYS A 457 9.21 19.50 -19.40
CA LYS A 457 10.00 20.68 -19.09
C LYS A 457 9.23 21.96 -19.51
N LEU A 458 8.61 21.94 -20.72
CA LEU A 458 7.78 23.03 -21.25
C LEU A 458 6.55 23.27 -20.37
N ARG A 459 5.90 22.21 -19.92
CA ARG A 459 4.75 22.25 -19.02
C ARG A 459 5.11 22.79 -17.63
N ALA A 460 6.24 22.35 -17.07
CA ALA A 460 6.71 22.81 -15.75
C ALA A 460 7.24 24.25 -15.76
N GLU A 461 7.83 24.71 -16.89
CA GLU A 461 8.34 26.08 -17.03
C GLU A 461 7.22 27.12 -17.24
N SER A 462 6.02 26.68 -17.69
CA SER A 462 4.86 27.54 -17.92
C SER A 462 4.21 27.98 -16.59
#